data_2D4G
#
_entry.id   2D4G
#
_cell.length_a   99.660
_cell.length_b   73.930
_cell.length_c   61.770
_cell.angle_alpha   90.00
_cell.angle_beta   113.56
_cell.angle_gamma   90.00
#
_symmetry.space_group_name_H-M   'C 1 2 1'
#
loop_
_entity.id
_entity.type
_entity.pdbx_description
1 polymer 'hypothetical protein BSU11850'
2 water water
#
_entity_poly.entity_id   1
_entity_poly.type   'polypeptide(L)'
_entity_poly.pdbx_seq_one_letter_code
;(MSE)KYGIVLFPSKKLQDLANSYRKRYDPSYSLIPPHLTLRASFECAEEKADQLVSHLRNIAKESHPLVLK(MSE)TKY
SSFAPVNNVIYIKAEPTEELKTLNEKLYTGVLAGEQEYNFVPHVTVGQNLSDDEHSDVLGQLK(MSE)QEVSHEEIVDRF
HLLYQLENGSWTVYETFLLGRGE
;
_entity_poly.pdbx_strand_id   A,B
#
# COMPACT_ATOMS: atom_id res chain seq x y z
N MSE A 1 8.11 -15.18 -5.62
CA MSE A 1 7.36 -14.02 -5.04
C MSE A 1 7.76 -13.74 -3.59
O MSE A 1 7.77 -14.65 -2.74
CB MSE A 1 5.85 -14.29 -5.12
CG MSE A 1 4.99 -13.11 -4.68
SE MSE A 1 4.41 -11.93 -6.12
CE MSE A 1 2.50 -12.17 -6.00
N LYS A 2 8.06 -12.48 -3.32
CA LYS A 2 8.45 -12.01 -1.98
C LYS A 2 7.21 -11.54 -1.25
N TYR A 3 7.12 -11.85 0.03
CA TYR A 3 5.98 -11.41 0.81
C TYR A 3 6.48 -10.79 2.10
N GLY A 4 5.66 -9.94 2.67
CA GLY A 4 6.02 -9.37 3.94
C GLY A 4 4.70 -9.29 4.68
N ILE A 5 4.68 -9.36 6.01
CA ILE A 5 3.42 -9.22 6.78
C ILE A 5 3.70 -8.00 7.70
N VAL A 6 3.06 -6.80 7.74
CA VAL A 6 3.52 -5.65 8.62
C VAL A 6 2.35 -4.94 9.24
N LEU A 7 2.60 -3.90 10.05
CA LEU A 7 1.54 -3.08 10.64
C LEU A 7 1.74 -1.67 10.08
N PHE A 8 0.65 -1.00 9.74
CA PHE A 8 0.70 0.36 9.25
C PHE A 8 0.02 1.13 10.38
N PRO A 9 0.77 1.99 11.08
CA PRO A 9 0.24 2.78 12.18
C PRO A 9 -0.57 3.97 11.67
N SER A 10 -1.15 4.72 12.60
CA SER A 10 -1.95 5.89 12.26
C SER A 10 -1.24 6.84 11.29
N LYS A 11 -2.00 7.71 10.64
CA LYS A 11 -1.44 8.69 9.70
C LYS A 11 -0.48 9.61 10.43
N LYS A 12 -0.82 9.94 11.66
CA LYS A 12 -0.03 10.82 12.49
C LYS A 12 1.38 10.31 12.74
N LEU A 13 1.53 9.00 12.88
CA LEU A 13 2.85 8.42 13.11
C LEU A 13 3.61 8.26 11.79
N GLN A 14 2.92 7.84 10.74
CA GLN A 14 3.56 7.68 9.45
C GLN A 14 4.16 9.01 8.98
N ASP A 15 3.38 10.09 9.10
CA ASP A 15 3.86 11.40 8.71
C ASP A 15 5.11 11.77 9.49
N LEU A 16 5.08 11.53 10.79
CA LEU A 16 6.21 11.82 11.65
C LEU A 16 7.43 11.06 11.13
N ALA A 17 7.27 9.75 10.90
CA ALA A 17 8.38 8.94 10.40
C ALA A 17 8.85 9.44 9.03
N ASN A 18 7.89 9.73 8.16
CA ASN A 18 8.21 10.21 6.82
C ASN A 18 8.96 11.54 6.78
N SER A 19 8.78 12.38 7.81
CA SER A 19 9.49 13.66 7.82
C SER A 19 10.98 13.39 7.90
N TYR A 20 11.34 12.16 8.29
CA TYR A 20 12.75 11.77 8.39
C TYR A 20 13.13 10.79 7.28
N ARG A 21 12.20 9.90 6.91
CA ARG A 21 12.47 8.93 5.87
C ARG A 21 12.73 9.61 4.54
N LYS A 22 11.97 10.67 4.28
CA LYS A 22 12.14 11.38 3.03
C LYS A 22 13.62 11.65 2.85
N ARG A 23 14.34 11.93 3.94
CA ARG A 23 15.76 12.24 3.85
C ARG A 23 16.71 11.05 3.93
N TYR A 24 16.50 10.21 4.94
CA TYR A 24 17.39 9.10 5.21
C TYR A 24 17.02 7.67 4.88
N ASP A 25 15.82 7.42 4.39
CA ASP A 25 15.40 6.04 4.12
C ASP A 25 15.13 5.72 2.65
N PRO A 26 15.96 4.84 2.04
CA PRO A 26 15.77 4.48 0.64
C PRO A 26 14.41 3.82 0.40
N SER A 27 13.82 3.26 1.46
CA SER A 27 12.51 2.63 1.34
C SER A 27 11.41 3.67 1.26
N TYR A 28 11.78 4.93 1.48
CA TYR A 28 10.80 6.01 1.44
C TYR A 28 9.82 5.86 0.28
N SER A 29 10.34 5.66 -0.92
CA SER A 29 9.49 5.54 -2.11
C SER A 29 9.03 4.11 -2.39
N LEU A 30 9.36 3.18 -1.50
CA LEU A 30 9.00 1.78 -1.69
C LEU A 30 7.85 1.27 -0.83
N ILE A 31 7.60 1.95 0.27
CA ILE A 31 6.54 1.51 1.18
C ILE A 31 6.38 2.54 2.31
N PRO A 32 5.14 2.77 2.75
CA PRO A 32 4.92 3.74 3.83
C PRO A 32 5.43 3.26 5.19
N PRO A 33 5.62 4.18 6.16
CA PRO A 33 6.11 3.81 7.49
C PRO A 33 5.39 2.57 7.99
N HIS A 34 6.15 1.61 8.49
CA HIS A 34 5.55 0.37 8.96
C HIS A 34 6.34 -0.25 10.12
N LEU A 35 5.75 -1.27 10.74
CA LEU A 35 6.38 -1.97 11.84
C LEU A 35 6.30 -3.41 11.38
N THR A 36 7.52 -3.88 11.06
CA THR A 36 7.62 -5.17 10.53
C THR A 36 6.91 -6.38 10.91
N LEU A 37 6.46 -6.67 9.71
CA LEU A 37 5.91 -7.68 9.05
C LEU A 37 6.44 -8.82 9.95
N ARG A 38 7.25 -9.82 9.67
CA ARG A 38 7.94 -10.95 10.51
C ARG A 38 8.94 -10.88 9.39
N ALA A 39 10.10 -11.51 9.40
CA ALA A 39 10.95 -11.29 8.23
C ALA A 39 10.27 -11.62 6.88
N SER A 40 10.62 -10.91 5.80
CA SER A 40 10.04 -11.17 4.49
C SER A 40 10.50 -12.54 4.03
N PHE A 41 9.68 -13.18 3.21
CA PHE A 41 10.02 -14.52 2.77
C PHE A 41 9.64 -14.86 1.30
N GLU A 42 10.20 -15.93 0.75
CA GLU A 42 9.95 -16.37 -0.62
C GLU A 42 8.92 -17.47 -0.81
N CYS A 43 7.63 -17.10 -0.92
CA CYS A 43 6.64 -18.16 -1.07
C CYS A 43 6.24 -18.36 -2.48
N ALA A 44 5.73 -19.54 -2.80
CA ALA A 44 5.33 -19.88 -4.17
C ALA A 44 3.98 -19.17 -4.25
N GLU A 45 3.92 -18.10 -5.05
CA GLU A 45 2.69 -17.31 -5.18
C GLU A 45 1.42 -18.14 -5.32
N GLU A 46 1.58 -19.38 -5.78
CA GLU A 46 0.46 -20.26 -6.02
C GLU A 46 -0.06 -21.01 -4.80
N LYS A 47 0.73 -21.03 -3.73
CA LYS A 47 0.33 -21.68 -2.50
C LYS A 47 0.16 -20.52 -1.53
N ALA A 48 -0.46 -19.47 -2.03
CA ALA A 48 -0.73 -18.25 -1.28
C ALA A 48 -2.02 -18.37 -0.49
N ASP A 49 -2.87 -19.31 -0.90
CA ASP A 49 -4.14 -19.54 -0.21
C ASP A 49 -3.88 -20.04 1.20
N GLN A 50 -2.95 -20.99 1.32
CA GLN A 50 -2.60 -21.53 2.64
C GLN A 50 -2.27 -20.33 3.51
N LEU A 51 -1.26 -19.60 3.05
CA LEU A 51 -0.77 -18.40 3.70
C LEU A 51 -1.93 -17.55 4.21
N VAL A 52 -2.80 -17.13 3.30
CA VAL A 52 -3.93 -16.30 3.66
C VAL A 52 -4.83 -16.95 4.71
N SER A 53 -4.93 -18.28 4.69
CA SER A 53 -5.76 -18.98 5.67
C SER A 53 -5.08 -18.91 7.02
N HIS A 54 -3.83 -19.35 7.04
CA HIS A 54 -3.08 -19.36 8.26
C HIS A 54 -3.10 -17.96 8.90
N LEU A 55 -2.96 -16.92 8.08
CA LEU A 55 -2.97 -15.57 8.61
C LEU A 55 -4.34 -15.19 9.20
N ARG A 56 -5.41 -15.45 8.46
CA ARG A 56 -6.76 -15.13 8.94
C ARG A 56 -6.99 -15.71 10.33
N ASN A 57 -6.49 -16.92 10.55
CA ASN A 57 -6.65 -17.58 11.85
C ASN A 57 -5.77 -16.96 12.93
N ILE A 58 -4.51 -16.71 12.59
CA ILE A 58 -3.59 -16.09 13.55
C ILE A 58 -4.21 -14.77 14.00
N ALA A 59 -4.80 -14.06 13.05
CA ALA A 59 -5.43 -12.77 13.32
C ALA A 59 -6.68 -12.99 14.17
N LYS A 60 -7.30 -14.15 14.01
CA LYS A 60 -8.49 -14.49 14.77
C LYS A 60 -8.21 -14.49 16.27
N GLU A 61 -7.16 -15.21 16.68
CA GLU A 61 -6.81 -15.28 18.10
C GLU A 61 -5.85 -14.22 18.57
N SER A 62 -5.92 -13.04 17.98
CA SER A 62 -5.05 -11.97 18.40
C SER A 62 -5.97 -10.86 18.86
N HIS A 63 -5.40 -9.70 19.17
CA HIS A 63 -6.19 -8.57 19.62
C HIS A 63 -5.46 -7.32 19.17
N PRO A 64 -6.20 -6.22 19.03
CA PRO A 64 -5.56 -4.96 18.60
C PRO A 64 -4.34 -4.73 19.49
N LEU A 65 -3.20 -4.38 18.90
CA LEU A 65 -1.98 -4.14 19.67
C LEU A 65 -1.77 -2.69 20.05
N VAL A 66 -1.24 -2.45 21.24
CA VAL A 66 -0.97 -1.08 21.67
C VAL A 66 0.50 -0.80 21.36
N LEU A 67 0.73 0.30 20.65
CA LEU A 67 2.09 0.71 20.30
C LEU A 67 2.43 2.01 21.03
N LYS A 68 3.38 1.96 21.96
CA LYS A 68 3.83 3.17 22.67
C LYS A 68 5.28 3.41 22.22
N MSE A 69 5.44 4.42 21.37
CA MSE A 69 6.74 4.80 20.81
C MSE A 69 7.48 5.66 21.83
O MSE A 69 7.02 6.73 22.21
CB MSE A 69 6.52 5.56 19.52
CG MSE A 69 5.44 4.94 18.63
SE MSE A 69 5.75 3.07 18.17
CE MSE A 69 7.07 3.33 16.78
N THR A 70 8.65 5.19 22.26
CA THR A 70 9.42 5.89 23.28
C THR A 70 10.62 6.72 22.86
N LYS A 71 11.22 6.43 21.72
CA LYS A 71 12.41 7.20 21.32
C LYS A 71 13.00 6.75 20.01
N TYR A 72 14.06 7.43 19.61
CA TYR A 72 14.78 7.08 18.40
C TYR A 72 16.02 6.33 18.87
N SER A 73 16.34 5.23 18.22
CA SER A 73 17.51 4.44 18.58
C SER A 73 18.17 3.92 17.31
N SER A 74 19.15 3.04 17.46
CA SER A 74 19.86 2.49 16.31
C SER A 74 20.34 1.05 16.51
N PHE A 75 20.51 0.32 15.41
CA PHE A 75 20.98 -1.06 15.47
C PHE A 75 22.50 -1.14 15.22
N ALA A 76 23.18 0.00 15.29
CA ALA A 76 24.62 0.00 15.09
C ALA A 76 25.25 -0.74 16.28
N PRO A 77 26.41 -1.38 16.10
CA PRO A 77 27.17 -1.36 14.84
C PRO A 77 26.86 -2.55 13.92
N VAL A 78 25.70 -3.17 14.10
CA VAL A 78 25.31 -4.31 13.26
C VAL A 78 24.77 -3.77 11.94
N ASN A 79 23.92 -2.77 12.00
CA ASN A 79 23.37 -2.21 10.79
C ASN A 79 23.12 -0.69 11.11
N ASN A 80 23.55 0.28 10.23
CA ASN A 80 23.33 1.71 10.39
C ASN A 80 21.87 2.01 10.07
N VAL A 81 20.99 1.46 10.89
CA VAL A 81 19.55 1.63 10.76
C VAL A 81 19.04 2.40 11.96
N ILE A 82 18.48 3.58 11.72
CA ILE A 82 17.94 4.39 12.80
C ILE A 82 16.42 4.22 12.78
N TYR A 83 15.83 4.01 13.94
CA TYR A 83 14.39 3.77 14.01
C TYR A 83 13.71 4.42 15.20
N ILE A 84 12.38 4.38 15.19
CA ILE A 84 11.55 4.89 16.28
C ILE A 84 11.25 3.62 17.07
N LYS A 85 11.55 3.61 18.37
CA LYS A 85 11.32 2.42 19.18
C LYS A 85 9.93 2.26 19.80
N ALA A 86 9.33 1.11 19.56
CA ALA A 86 8.02 0.79 20.12
C ALA A 86 8.31 -0.05 21.37
N GLU A 87 7.57 0.16 22.45
CA GLU A 87 7.82 -0.65 23.65
C GLU A 87 7.43 -2.09 23.38
N PRO A 88 8.38 -3.02 23.53
CA PRO A 88 8.12 -4.44 23.30
C PRO A 88 7.03 -4.91 24.26
N THR A 89 6.18 -5.81 23.81
CA THR A 89 5.12 -6.33 24.64
C THR A 89 4.99 -7.82 24.41
N GLU A 90 4.27 -8.49 25.30
CA GLU A 90 4.05 -9.92 25.16
C GLU A 90 3.20 -10.12 23.92
N GLU A 91 2.25 -9.21 23.71
CA GLU A 91 1.38 -9.28 22.55
C GLU A 91 2.18 -9.28 21.24
N LEU A 92 2.96 -8.23 21.00
CA LEU A 92 3.77 -8.16 19.79
C LEU A 92 4.65 -9.42 19.66
N LYS A 93 5.23 -9.83 20.78
CA LYS A 93 6.09 -11.01 20.85
C LYS A 93 5.30 -12.28 20.45
N THR A 94 4.16 -12.47 21.07
CA THR A 94 3.30 -13.61 20.82
C THR A 94 2.87 -13.69 19.35
N LEU A 95 2.50 -12.55 18.77
CA LEU A 95 2.07 -12.51 17.38
C LEU A 95 3.27 -12.74 16.47
N ASN A 96 4.40 -12.11 16.78
CA ASN A 96 5.62 -12.28 16.00
C ASN A 96 5.93 -13.76 15.98
N GLU A 97 5.80 -14.36 17.16
CA GLU A 97 6.04 -15.78 17.40
C GLU A 97 5.11 -16.68 16.59
N LYS A 98 3.87 -16.25 16.41
CA LYS A 98 2.88 -17.03 15.67
C LYS A 98 3.02 -16.86 14.17
N LEU A 99 3.92 -15.97 13.75
CA LEU A 99 4.15 -15.75 12.33
C LEU A 99 5.27 -16.65 11.83
N TYR A 100 5.75 -17.52 12.70
CA TYR A 100 6.82 -18.45 12.37
C TYR A 100 6.39 -19.90 12.57
N THR A 101 5.08 -20.11 12.68
CA THR A 101 4.51 -21.44 12.87
C THR A 101 3.83 -21.88 11.58
N GLY A 102 3.28 -23.08 11.60
CA GLY A 102 2.59 -23.61 10.43
C GLY A 102 3.38 -23.47 9.14
N VAL A 103 2.67 -23.22 8.05
CA VAL A 103 3.28 -23.07 6.72
C VAL A 103 4.30 -21.93 6.66
N LEU A 104 4.37 -21.12 7.72
CA LEU A 104 5.32 -20.01 7.78
C LEU A 104 6.51 -20.37 8.66
N ALA A 105 6.61 -21.64 9.02
CA ALA A 105 7.71 -22.12 9.85
C ALA A 105 9.00 -22.17 9.06
N GLY A 106 10.09 -21.82 9.72
CA GLY A 106 11.40 -21.81 9.11
C GLY A 106 12.26 -21.24 10.21
N GLU A 107 13.56 -21.08 10.01
CA GLU A 107 14.28 -20.53 11.13
C GLU A 107 14.32 -19.04 11.28
N GLN A 108 13.52 -18.70 12.26
CA GLN A 108 13.21 -17.41 12.81
C GLN A 108 14.33 -16.38 12.96
N GLU A 109 14.08 -15.60 13.99
CA GLU A 109 14.84 -14.51 14.52
C GLU A 109 16.28 -14.12 14.33
N TYR A 110 16.52 -13.42 15.41
CA TYR A 110 17.55 -12.71 16.06
C TYR A 110 16.80 -11.52 16.43
N ASN A 111 16.66 -11.50 17.74
CA ASN A 111 15.89 -10.56 18.45
C ASN A 111 14.91 -9.83 17.62
N PHE A 112 13.67 -10.06 18.00
CA PHE A 112 12.60 -9.39 17.35
C PHE A 112 12.59 -8.12 18.15
N VAL A 113 12.72 -6.99 17.47
CA VAL A 113 12.72 -5.71 18.15
C VAL A 113 11.75 -4.80 17.40
N PRO A 114 10.55 -4.59 17.97
CA PRO A 114 9.50 -3.75 17.41
C PRO A 114 10.05 -2.38 17.05
N HIS A 115 9.95 -1.99 15.78
CA HIS A 115 10.45 -0.69 15.37
C HIS A 115 9.86 -0.13 14.07
N VAL A 116 10.01 1.19 13.90
CA VAL A 116 9.58 1.87 12.70
C VAL A 116 10.81 2.62 12.20
N THR A 117 11.34 2.18 11.07
CA THR A 117 12.54 2.75 10.47
C THR A 117 12.35 4.14 9.87
N VAL A 118 13.31 5.03 10.13
CA VAL A 118 13.27 6.37 9.59
C VAL A 118 14.55 6.60 8.80
N GLY A 119 15.53 5.73 9.03
CA GLY A 119 16.80 5.83 8.32
C GLY A 119 17.56 4.50 8.21
N GLN A 120 18.14 4.24 7.04
CA GLN A 120 18.91 3.01 6.84
C GLN A 120 19.84 3.09 5.61
N ASN A 121 20.75 2.13 5.51
CA ASN A 121 21.73 2.08 4.41
C ASN A 121 22.60 3.33 4.46
N LEU A 122 22.80 3.83 5.68
CA LEU A 122 23.60 5.03 5.91
C LEU A 122 25.08 4.77 6.10
N SER A 123 25.90 5.73 5.68
CA SER A 123 27.34 5.64 5.84
C SER A 123 27.54 5.80 7.33
N ASP A 124 28.74 5.46 7.82
CA ASP A 124 29.01 5.60 9.25
C ASP A 124 28.94 7.06 9.67
N ASP A 125 29.45 7.97 8.82
CA ASP A 125 29.43 9.40 9.14
C ASP A 125 28.04 10.01 9.18
N GLU A 126 27.24 9.80 8.13
CA GLU A 126 25.88 10.36 8.12
C GLU A 126 25.07 9.78 9.26
N HIS A 127 25.29 8.49 9.54
CA HIS A 127 24.58 7.83 10.63
C HIS A 127 24.93 8.50 11.95
N SER A 128 26.20 8.85 12.10
CA SER A 128 26.67 9.50 13.32
C SER A 128 26.01 10.87 13.52
N ASP A 129 25.81 11.58 12.41
CA ASP A 129 25.18 12.90 12.46
C ASP A 129 23.69 12.82 12.80
N VAL A 130 22.99 11.88 12.17
CA VAL A 130 21.56 11.70 12.40
C VAL A 130 21.24 11.21 13.80
N LEU A 131 22.01 10.25 14.30
CA LEU A 131 21.76 9.73 15.65
C LEU A 131 22.04 10.82 16.67
N GLY A 132 23.06 11.64 16.39
CA GLY A 132 23.38 12.73 17.29
C GLY A 132 22.20 13.67 17.33
N GLN A 133 21.49 13.82 16.21
CA GLN A 133 20.33 14.70 16.17
C GLN A 133 19.13 14.03 16.87
N LEU A 134 18.77 12.83 16.43
CA LEU A 134 17.60 12.11 16.96
C LEU A 134 17.62 11.36 18.30
N LYS A 135 18.75 10.76 18.68
CA LYS A 135 18.81 10.00 19.93
C LYS A 135 18.18 10.69 21.13
N MSE A 136 18.40 11.98 21.27
CA MSE A 136 17.83 12.70 22.40
C MSE A 136 16.63 13.54 21.99
O MSE A 136 16.10 14.30 22.81
CB MSE A 136 18.89 13.56 23.09
CG MSE A 136 20.03 12.77 23.74
SE MSE A 136 19.46 11.36 24.97
CE MSE A 136 18.86 12.45 26.44
N GLN A 137 16.20 13.43 20.74
CA GLN A 137 15.04 14.18 20.29
C GLN A 137 13.84 13.44 20.90
N GLU A 138 12.99 14.17 21.61
CA GLU A 138 11.83 13.57 22.26
C GLU A 138 10.77 13.03 21.33
N VAL A 139 10.11 11.98 21.80
CA VAL A 139 9.03 11.33 21.06
C VAL A 139 8.17 10.52 22.02
N SER A 140 6.88 10.84 22.03
CA SER A 140 5.93 10.14 22.87
C SER A 140 4.62 10.04 22.08
N HIS A 141 4.36 8.85 21.55
CA HIS A 141 3.17 8.60 20.77
C HIS A 141 2.63 7.24 21.14
N GLU A 142 1.31 7.16 21.34
CA GLU A 142 0.68 5.91 21.69
C GLU A 142 -0.60 5.73 20.89
N GLU A 143 -0.78 4.53 20.35
CA GLU A 143 -1.96 4.21 19.56
C GLU A 143 -2.23 2.72 19.64
N ILE A 144 -3.39 2.31 19.19
CA ILE A 144 -3.77 0.92 19.16
C ILE A 144 -3.97 0.56 17.70
N VAL A 145 -3.22 -0.43 17.22
CA VAL A 145 -3.34 -0.86 15.83
C VAL A 145 -4.16 -2.14 15.81
N ASP A 146 -5.23 -2.15 15.02
CA ASP A 146 -6.13 -3.31 14.96
C ASP A 146 -6.07 -4.15 13.68
N ARG A 147 -4.92 -4.17 13.00
CA ARG A 147 -4.81 -4.94 11.77
C ARG A 147 -3.39 -5.01 11.21
N PHE A 148 -3.10 -6.05 10.45
CA PHE A 148 -1.79 -6.18 9.82
C PHE A 148 -2.01 -6.50 8.34
N HIS A 149 -1.01 -6.22 7.52
CA HIS A 149 -1.13 -6.45 6.09
C HIS A 149 -0.11 -7.41 5.52
N LEU A 150 -0.49 -8.07 4.44
CA LEU A 150 0.40 -9.00 3.76
C LEU A 150 0.69 -8.30 2.45
N LEU A 151 1.94 -8.24 2.05
CA LEU A 151 2.22 -7.54 0.81
C LEU A 151 3.28 -8.34 0.02
N TYR A 152 3.43 -8.01 -1.26
CA TYR A 152 4.42 -8.66 -2.12
C TYR A 152 5.24 -7.60 -2.85
N GLN A 153 6.47 -7.96 -3.22
CA GLN A 153 7.40 -7.03 -3.85
C GLN A 153 7.38 -6.97 -5.37
N LEU A 154 7.32 -5.74 -5.88
CA LEU A 154 7.32 -5.54 -7.33
C LEU A 154 8.74 -5.57 -7.86
N GLU A 155 8.85 -5.55 -9.17
CA GLU A 155 10.14 -5.57 -9.82
C GLU A 155 11.01 -4.43 -9.30
N ASN A 156 10.43 -3.24 -9.18
CA ASN A 156 11.20 -2.08 -8.73
C ASN A 156 11.47 -2.03 -7.23
N GLY A 157 11.18 -3.11 -6.52
CA GLY A 157 11.44 -3.14 -5.09
C GLY A 157 10.33 -2.63 -4.18
N SER A 158 9.37 -1.87 -4.71
CA SER A 158 8.30 -1.36 -3.86
C SER A 158 7.39 -2.51 -3.45
N TRP A 159 6.59 -2.30 -2.42
CA TRP A 159 5.68 -3.32 -1.91
C TRP A 159 4.21 -2.91 -2.06
N THR A 160 3.37 -3.85 -2.50
CA THR A 160 1.94 -3.63 -2.68
C THR A 160 1.17 -4.52 -1.71
N VAL A 161 0.06 -4.00 -1.18
CA VAL A 161 -0.78 -4.75 -0.24
C VAL A 161 -1.64 -5.79 -0.94
N TYR A 162 -1.55 -7.04 -0.50
CA TYR A 162 -2.36 -8.10 -1.10
C TYR A 162 -3.63 -8.26 -0.28
N GLU A 163 -3.48 -8.34 1.04
CA GLU A 163 -4.65 -8.51 1.90
C GLU A 163 -4.44 -7.94 3.30
N THR A 164 -5.54 -7.50 3.91
CA THR A 164 -5.52 -6.92 5.26
C THR A 164 -6.29 -7.82 6.22
N PHE A 165 -5.74 -8.02 7.42
CA PHE A 165 -6.37 -8.87 8.42
C PHE A 165 -6.77 -8.12 9.68
N LEU A 166 -8.02 -8.29 10.10
CA LEU A 166 -8.54 -7.66 11.30
C LEU A 166 -8.22 -8.50 12.53
N LEU A 167 -7.73 -7.85 13.58
CA LEU A 167 -7.38 -8.56 14.81
C LEU A 167 -8.61 -8.71 15.71
N GLY A 168 -9.00 -9.94 15.97
CA GLY A 168 -10.16 -10.18 16.81
C GLY A 168 -11.43 -10.31 15.98
N MSE B 1 -10.02 12.62 6.80
CA MSE B 1 -8.92 12.69 5.80
C MSE B 1 -9.37 12.24 4.41
O MSE B 1 -10.55 12.03 4.18
CB MSE B 1 -7.73 11.83 6.29
CG MSE B 1 -8.08 10.43 6.79
SE MSE B 1 -6.55 9.57 7.68
CE MSE B 1 -7.40 9.03 9.34
N LYS B 2 -8.42 12.13 3.48
CA LYS B 2 -8.72 11.74 2.11
C LYS B 2 -8.69 10.22 1.92
N TYR B 3 -9.78 9.68 1.39
CA TYR B 3 -9.88 8.26 1.13
C TYR B 3 -9.93 7.99 -0.36
N GLY B 4 -9.47 6.81 -0.75
CA GLY B 4 -9.47 6.42 -2.15
C GLY B 4 -9.84 4.96 -2.27
N ILE B 5 -10.53 4.61 -3.35
CA ILE B 5 -10.93 3.23 -3.58
C ILE B 5 -10.40 2.84 -4.95
N VAL B 6 -9.55 1.82 -4.96
CA VAL B 6 -8.94 1.39 -6.21
C VAL B 6 -8.77 -0.11 -6.30
N LEU B 7 -8.34 -0.54 -7.49
CA LEU B 7 -8.05 -1.93 -7.76
C LEU B 7 -6.55 -1.99 -8.01
N PHE B 8 -5.89 -2.99 -7.44
CA PHE B 8 -4.46 -3.16 -7.69
C PHE B 8 -4.40 -4.40 -8.58
N PRO B 9 -3.87 -4.24 -9.79
CA PRO B 9 -3.77 -5.38 -10.71
C PRO B 9 -2.63 -6.33 -10.35
N SER B 10 -2.46 -7.34 -11.20
CA SER B 10 -1.41 -8.33 -11.07
C SER B 10 -0.12 -7.54 -11.13
N LYS B 11 0.93 -8.05 -10.49
CA LYS B 11 2.19 -7.36 -10.52
C LYS B 11 2.79 -7.32 -11.92
N LYS B 12 2.42 -8.27 -12.78
CA LYS B 12 2.95 -8.25 -14.15
C LYS B 12 2.51 -6.94 -14.78
N LEU B 13 1.28 -6.55 -14.50
CA LEU B 13 0.73 -5.30 -15.03
C LEU B 13 1.27 -4.11 -14.24
N GLN B 14 1.59 -4.31 -12.96
CA GLN B 14 2.13 -3.22 -12.16
C GLN B 14 3.54 -2.92 -12.65
N ASP B 15 4.32 -3.96 -12.88
CA ASP B 15 5.68 -3.81 -13.37
C ASP B 15 5.65 -3.13 -14.73
N LEU B 16 4.75 -3.57 -15.60
CA LEU B 16 4.64 -2.97 -16.92
C LEU B 16 4.42 -1.47 -16.74
N ALA B 17 3.35 -1.10 -16.05
CA ALA B 17 3.05 0.31 -15.82
C ALA B 17 4.23 1.06 -15.19
N ASN B 18 4.93 0.43 -14.25
CA ASN B 18 6.06 1.11 -13.60
C ASN B 18 7.28 1.30 -14.49
N SER B 19 7.39 0.54 -15.56
CA SER B 19 8.54 0.68 -16.46
C SER B 19 8.44 2.03 -17.16
N TYR B 20 7.25 2.62 -17.11
CA TYR B 20 7.00 3.93 -17.71
C TYR B 20 6.76 4.98 -16.62
N ARG B 21 6.07 4.58 -15.56
CA ARG B 21 5.76 5.49 -14.46
C ARG B 21 7.01 6.05 -13.79
N LYS B 22 8.06 5.25 -13.72
CA LYS B 22 9.29 5.68 -13.07
C LYS B 22 9.82 6.98 -13.65
N ARG B 23 9.45 7.30 -14.88
CA ARG B 23 9.93 8.53 -15.48
C ARG B 23 8.88 9.58 -15.86
N TYR B 24 7.61 9.19 -15.95
CA TYR B 24 6.58 10.16 -16.34
C TYR B 24 5.42 10.35 -15.38
N ASP B 25 5.42 9.67 -14.25
CA ASP B 25 4.32 9.78 -13.30
C ASP B 25 4.76 10.19 -11.89
N PRO B 26 4.50 11.45 -11.51
CA PRO B 26 4.90 11.91 -10.17
C PRO B 26 4.34 11.03 -9.05
N SER B 27 3.27 10.30 -9.33
CA SER B 27 2.65 9.42 -8.33
C SER B 27 3.44 8.14 -8.14
N TYR B 28 4.46 7.94 -8.98
CA TYR B 28 5.31 6.76 -8.91
C TYR B 28 5.61 6.36 -7.47
N SER B 29 6.18 7.29 -6.72
CA SER B 29 6.53 7.01 -5.32
C SER B 29 5.40 7.26 -4.35
N LEU B 30 4.22 7.60 -4.87
CA LEU B 30 3.05 7.89 -4.02
C LEU B 30 2.09 6.74 -3.80
N ILE B 31 1.92 5.91 -4.83
CA ILE B 31 0.98 4.80 -4.76
C ILE B 31 1.31 3.85 -5.90
N PRO B 32 1.12 2.53 -5.69
CA PRO B 32 1.41 1.54 -6.73
C PRO B 32 0.49 1.70 -7.93
N PRO B 33 0.85 1.10 -9.09
CA PRO B 33 0.00 1.22 -10.27
C PRO B 33 -1.39 0.79 -9.84
N HIS B 34 -2.43 1.42 -10.38
CA HIS B 34 -3.78 1.07 -9.94
C HIS B 34 -4.87 1.54 -10.88
N LEU B 35 -6.09 1.13 -10.59
CA LEU B 35 -7.23 1.51 -11.39
C LEU B 35 -8.26 2.08 -10.42
N THR B 36 -8.45 3.40 -10.49
CA THR B 36 -9.40 4.09 -9.63
C THR B 36 -10.83 3.65 -9.92
N LEU B 37 -11.59 3.39 -8.86
CA LEU B 37 -12.98 2.95 -8.98
C LEU B 37 -13.97 4.03 -8.54
N ARG B 38 -13.50 4.99 -7.76
CA ARG B 38 -14.32 6.09 -7.27
C ARG B 38 -13.37 7.29 -7.10
N ALA B 39 -13.86 8.49 -7.35
CA ALA B 39 -13.02 9.67 -7.16
C ALA B 39 -12.73 9.73 -5.66
N SER B 40 -11.51 10.06 -5.27
CA SER B 40 -11.20 10.12 -3.85
C SER B 40 -12.12 11.13 -3.16
N PHE B 41 -12.37 10.92 -1.87
CA PHE B 41 -13.28 11.77 -1.09
C PHE B 41 -12.76 12.02 0.33
N GLU B 42 -13.41 12.98 1.01
CA GLU B 42 -13.07 13.34 2.39
C GLU B 42 -14.08 12.63 3.28
N CYS B 43 -13.63 12.03 4.38
CA CYS B 43 -14.54 11.33 5.26
C CYS B 43 -14.09 11.49 6.71
N ALA B 44 -15.05 11.76 7.60
CA ALA B 44 -14.76 11.95 9.02
C ALA B 44 -14.34 10.64 9.68
N GLU B 45 -13.24 10.68 10.44
CA GLU B 45 -12.71 9.50 11.11
C GLU B 45 -13.66 8.60 11.87
N GLU B 46 -14.54 9.18 12.67
CA GLU B 46 -15.45 8.35 13.42
C GLU B 46 -16.60 7.89 12.50
N LYS B 47 -16.62 8.38 11.26
CA LYS B 47 -17.66 7.98 10.28
C LYS B 47 -17.00 7.07 9.23
N ALA B 48 -16.02 6.28 9.67
CA ALA B 48 -15.28 5.38 8.80
C ALA B 48 -15.74 3.94 8.92
N ASP B 49 -16.03 3.50 10.13
CA ASP B 49 -16.47 2.14 10.33
C ASP B 49 -17.69 1.79 9.48
N GLN B 50 -18.64 2.71 9.38
CA GLN B 50 -19.83 2.45 8.57
C GLN B 50 -19.42 2.45 7.12
N LEU B 51 -18.37 3.20 6.85
CA LEU B 51 -17.81 3.27 5.53
C LEU B 51 -17.46 1.83 5.14
N VAL B 52 -16.40 1.31 5.76
CA VAL B 52 -15.90 -0.06 5.56
C VAL B 52 -17.08 -1.00 5.46
N SER B 53 -18.05 -0.65 6.29
CA SER B 53 -19.31 -1.34 6.45
C SER B 53 -20.12 -1.51 5.20
N HIS B 54 -20.17 -0.43 4.45
CA HIS B 54 -20.92 -0.34 3.22
C HIS B 54 -20.11 -0.94 2.09
N LEU B 55 -18.81 -0.75 2.14
CA LEU B 55 -17.94 -1.29 1.10
C LEU B 55 -18.03 -2.81 1.06
N ARG B 56 -18.18 -3.43 2.22
CA ARG B 56 -18.29 -4.89 2.35
C ARG B 56 -19.51 -5.43 1.59
N ASN B 57 -20.63 -4.74 1.73
CA ASN B 57 -21.89 -5.11 1.10
C ASN B 57 -21.79 -4.87 -0.39
N ILE B 58 -21.18 -3.76 -0.78
CA ILE B 58 -21.03 -3.48 -2.20
C ILE B 58 -20.18 -4.62 -2.75
N ALA B 59 -19.12 -4.94 -2.04
CA ALA B 59 -18.21 -6.02 -2.44
C ALA B 59 -18.91 -7.37 -2.53
N LYS B 60 -19.62 -7.73 -1.46
CA LYS B 60 -20.34 -9.00 -1.42
C LYS B 60 -21.30 -9.17 -2.60
N GLU B 61 -21.94 -8.08 -3.01
CA GLU B 61 -22.87 -8.16 -4.13
C GLU B 61 -22.23 -7.96 -5.49
N SER B 62 -20.91 -8.20 -5.55
CA SER B 62 -20.17 -8.08 -6.81
C SER B 62 -19.36 -9.36 -7.04
N HIS B 63 -18.68 -9.41 -8.19
CA HIS B 63 -17.85 -10.55 -8.56
C HIS B 63 -16.51 -10.04 -9.07
N PRO B 64 -15.49 -10.92 -9.11
CA PRO B 64 -14.16 -10.50 -9.59
C PRO B 64 -14.30 -9.89 -10.97
N LEU B 65 -13.59 -8.79 -11.21
CA LEU B 65 -13.65 -8.07 -12.48
C LEU B 65 -12.60 -8.53 -13.48
N VAL B 66 -13.01 -8.67 -14.74
CA VAL B 66 -12.08 -9.05 -15.77
C VAL B 66 -11.57 -7.73 -16.34
N LEU B 67 -10.24 -7.61 -16.45
CA LEU B 67 -9.61 -6.41 -16.97
C LEU B 67 -8.88 -6.66 -18.27
N LYS B 68 -9.47 -6.22 -19.38
CA LYS B 68 -8.84 -6.41 -20.68
C LYS B 68 -8.15 -5.11 -21.05
N MSE B 69 -6.81 -5.12 -21.03
CA MSE B 69 -6.03 -3.94 -21.38
C MSE B 69 -5.70 -4.07 -22.85
O MSE B 69 -5.23 -5.12 -23.31
CB MSE B 69 -4.75 -3.90 -20.56
CG MSE B 69 -4.92 -4.36 -19.11
SE MSE B 69 -6.16 -3.32 -18.07
CE MSE B 69 -5.57 -1.54 -18.42
N THR B 70 -5.93 -3.01 -23.60
CA THR B 70 -5.76 -3.07 -25.04
C THR B 70 -4.85 -2.05 -25.73
N LYS B 71 -4.64 -0.90 -25.10
CA LYS B 71 -3.81 0.13 -25.73
C LYS B 71 -3.47 1.26 -24.79
N TYR B 72 -2.58 2.14 -25.24
CA TYR B 72 -2.20 3.31 -24.47
C TYR B 72 -3.04 4.43 -25.06
N SER B 73 -3.47 5.35 -24.21
CA SER B 73 -4.28 6.46 -24.67
C SER B 73 -4.10 7.64 -23.72
N SER B 74 -4.66 8.79 -24.09
CA SER B 74 -4.54 9.97 -23.27
C SER B 74 -5.89 10.64 -23.06
N PHE B 75 -5.94 11.54 -22.08
CA PHE B 75 -7.16 12.28 -21.79
C PHE B 75 -7.02 13.68 -22.42
N ALA B 76 -5.90 13.92 -23.09
CA ALA B 76 -5.65 15.22 -23.72
C ALA B 76 -6.71 15.44 -24.81
N PRO B 77 -7.06 16.71 -25.07
CA PRO B 77 -6.52 17.89 -24.42
C PRO B 77 -7.16 18.24 -23.09
N VAL B 78 -7.96 17.34 -22.53
CA VAL B 78 -8.62 17.59 -21.26
C VAL B 78 -7.63 17.53 -20.11
N ASN B 79 -6.66 16.62 -20.24
CA ASN B 79 -5.66 16.38 -19.22
C ASN B 79 -4.51 15.64 -19.89
N ASN B 80 -3.27 16.04 -19.63
CA ASN B 80 -2.13 15.37 -20.20
C ASN B 80 -1.76 14.12 -19.43
N VAL B 81 -2.77 13.27 -19.22
CA VAL B 81 -2.60 12.01 -18.52
C VAL B 81 -2.55 10.92 -19.58
N ILE B 82 -1.54 10.07 -19.49
CA ILE B 82 -1.34 8.96 -20.42
C ILE B 82 -1.57 7.70 -19.60
N TYR B 83 -2.30 6.74 -20.17
CA TYR B 83 -2.60 5.52 -19.43
C TYR B 83 -2.78 4.28 -20.29
N ILE B 84 -2.91 3.15 -19.61
CA ILE B 84 -3.15 1.87 -20.25
C ILE B 84 -4.66 1.75 -20.16
N LYS B 85 -5.34 1.83 -21.31
CA LYS B 85 -6.79 1.76 -21.35
C LYS B 85 -7.32 0.38 -21.02
N ALA B 86 -8.41 0.34 -20.25
CA ALA B 86 -9.03 -0.92 -19.91
C ALA B 86 -10.39 -0.96 -20.59
N GLU B 87 -10.73 -2.07 -21.25
CA GLU B 87 -12.03 -2.13 -21.91
C GLU B 87 -13.12 -2.03 -20.86
N PRO B 88 -13.98 -1.02 -20.98
CA PRO B 88 -15.07 -0.87 -20.00
C PRO B 88 -16.09 -1.98 -20.11
N THR B 89 -16.62 -2.39 -18.97
CA THR B 89 -17.63 -3.43 -18.93
C THR B 89 -18.77 -2.94 -18.05
N GLU B 90 -19.94 -3.57 -18.20
CA GLU B 90 -21.10 -3.20 -17.40
C GLU B 90 -20.80 -3.48 -15.93
N GLU B 91 -19.97 -4.50 -15.67
CA GLU B 91 -19.60 -4.84 -14.30
C GLU B 91 -18.82 -3.69 -13.66
N LEU B 92 -17.83 -3.19 -14.38
CA LEU B 92 -17.02 -2.07 -13.88
C LEU B 92 -17.94 -0.88 -13.66
N LYS B 93 -18.80 -0.62 -14.64
CA LYS B 93 -19.75 0.49 -14.55
C LYS B 93 -20.65 0.39 -13.32
N THR B 94 -21.18 -0.80 -13.06
CA THR B 94 -22.07 -0.99 -11.92
C THR B 94 -21.40 -0.79 -10.56
N LEU B 95 -20.16 -1.27 -10.42
CA LEU B 95 -19.44 -1.12 -9.16
C LEU B 95 -19.17 0.37 -8.92
N ASN B 96 -18.65 1.04 -9.94
CA ASN B 96 -18.36 2.46 -9.85
C ASN B 96 -19.57 3.28 -9.39
N GLU B 97 -20.72 3.07 -10.01
CA GLU B 97 -21.89 3.82 -9.61
C GLU B 97 -22.43 3.44 -8.23
N LYS B 98 -22.17 2.20 -7.80
CA LYS B 98 -22.59 1.74 -6.48
C LYS B 98 -21.76 2.47 -5.42
N LEU B 99 -20.52 2.79 -5.79
CA LEU B 99 -19.61 3.48 -4.88
C LEU B 99 -20.06 4.92 -4.63
N TYR B 100 -21.18 5.30 -5.25
CA TYR B 100 -21.72 6.64 -5.08
C TYR B 100 -23.11 6.55 -4.46
N THR B 101 -23.30 5.51 -3.64
CA THR B 101 -24.57 5.28 -2.96
C THR B 101 -24.30 5.20 -1.47
N GLY B 102 -25.37 5.13 -0.68
CA GLY B 102 -25.23 5.04 0.76
C GLY B 102 -24.44 6.18 1.36
N VAL B 103 -23.52 5.84 2.26
CA VAL B 103 -22.71 6.84 2.93
C VAL B 103 -21.64 7.46 2.03
N LEU B 104 -21.48 6.92 0.81
CA LEU B 104 -20.52 7.46 -0.17
C LEU B 104 -21.46 8.18 -1.11
N ALA B 105 -22.62 8.44 -0.55
CA ALA B 105 -23.73 9.06 -1.22
C ALA B 105 -23.55 10.05 -2.33
N GLY B 106 -24.19 9.65 -3.41
CA GLY B 106 -24.29 10.42 -4.62
C GLY B 106 -23.25 11.15 -5.42
N GLU B 107 -23.66 12.40 -5.67
CA GLU B 107 -23.03 13.40 -6.53
C GLU B 107 -22.27 12.71 -7.59
N GLN B 108 -23.01 12.02 -8.43
CA GLN B 108 -22.36 11.35 -9.50
C GLN B 108 -23.00 10.06 -9.86
N GLU B 109 -22.10 9.34 -10.50
CA GLU B 109 -22.17 8.01 -11.06
C GLU B 109 -21.77 8.11 -12.52
N TYR B 110 -20.63 8.69 -12.94
CA TYR B 110 -20.50 8.58 -14.39
C TYR B 110 -19.34 8.67 -15.44
N ASN B 111 -19.62 9.09 -16.69
CA ASN B 111 -18.64 8.82 -17.75
C ASN B 111 -17.36 8.37 -17.15
N PHE B 112 -17.40 7.07 -16.90
CA PHE B 112 -16.35 6.37 -16.24
C PHE B 112 -15.40 5.67 -17.18
N VAL B 113 -14.16 6.12 -17.13
CA VAL B 113 -13.10 5.57 -17.96
C VAL B 113 -12.10 4.81 -17.10
N PRO B 114 -12.30 3.48 -16.97
CA PRO B 114 -11.40 2.64 -16.18
C PRO B 114 -10.02 2.68 -16.85
N HIS B 115 -8.99 3.02 -16.09
CA HIS B 115 -7.65 3.09 -16.66
C HIS B 115 -6.51 2.92 -15.65
N VAL B 116 -5.32 2.66 -16.18
CA VAL B 116 -4.12 2.51 -15.37
C VAL B 116 -3.13 3.58 -15.85
N THR B 117 -2.99 4.63 -15.05
CA THR B 117 -2.12 5.75 -15.36
C THR B 117 -0.64 5.41 -15.39
N VAL B 118 0.03 5.81 -16.46
CA VAL B 118 1.47 5.58 -16.60
C VAL B 118 2.22 6.90 -16.71
N GLY B 119 1.48 8.01 -16.85
CA GLY B 119 2.11 9.31 -16.95
C GLY B 119 1.16 10.48 -16.77
N GLN B 120 1.59 11.51 -16.05
CA GLN B 120 0.76 12.70 -15.83
C GLN B 120 1.58 13.94 -15.46
N ASN B 121 0.94 15.11 -15.48
CA ASN B 121 1.62 16.39 -15.19
C ASN B 121 2.67 16.61 -16.25
N LEU B 122 2.34 16.25 -17.49
CA LEU B 122 3.24 16.39 -18.61
C LEU B 122 2.93 17.64 -19.41
N SER B 123 3.98 18.36 -19.82
CA SER B 123 3.77 19.55 -20.63
C SER B 123 3.28 19.01 -21.96
N ASP B 124 2.73 19.88 -22.81
CA ASP B 124 2.25 19.41 -24.09
C ASP B 124 3.34 18.74 -24.93
N ASP B 125 4.54 19.31 -24.91
CA ASP B 125 5.65 18.72 -25.67
C ASP B 125 6.03 17.39 -25.03
N GLU B 126 6.15 17.41 -23.72
CA GLU B 126 6.45 16.22 -22.92
C GLU B 126 5.51 15.12 -23.33
N HIS B 127 4.23 15.48 -23.35
CA HIS B 127 3.13 14.59 -23.69
C HIS B 127 3.18 14.02 -25.10
N SER B 128 3.51 14.85 -26.07
CA SER B 128 3.57 14.41 -27.46
C SER B 128 4.66 13.35 -27.61
N ASP B 129 5.84 13.65 -27.08
CA ASP B 129 6.97 12.74 -27.14
C ASP B 129 6.65 11.37 -26.56
N VAL B 130 6.09 11.35 -25.34
CA VAL B 130 5.73 10.10 -24.68
C VAL B 130 4.64 9.34 -25.42
N LEU B 131 3.55 10.02 -25.74
CA LEU B 131 2.46 9.36 -26.47
C LEU B 131 3.05 8.82 -27.77
N GLY B 132 4.04 9.53 -28.28
CA GLY B 132 4.69 9.13 -29.52
C GLY B 132 5.32 7.75 -29.43
N GLN B 133 6.34 7.62 -28.58
CA GLN B 133 7.01 6.34 -28.41
C GLN B 133 6.07 5.31 -27.81
N LEU B 134 5.08 5.76 -27.05
CA LEU B 134 4.13 4.86 -26.42
C LEU B 134 3.02 4.39 -27.34
N LYS B 135 2.91 5.03 -28.50
CA LYS B 135 1.88 4.68 -29.47
C LYS B 135 2.25 3.42 -30.24
N MSE B 136 3.53 3.31 -30.58
CA MSE B 136 4.04 2.18 -31.34
C MSE B 136 4.39 1.01 -30.43
O MSE B 136 5.07 0.06 -30.85
CB MSE B 136 5.26 2.58 -32.13
CG MSE B 136 5.56 4.06 -32.10
SE MSE B 136 7.26 4.36 -32.97
CE MSE B 136 8.39 3.73 -31.55
N GLN B 137 3.92 1.07 -29.20
CA GLN B 137 4.19 0.04 -28.20
C GLN B 137 2.87 -0.75 -27.99
N GLU B 138 2.79 -1.96 -28.52
CA GLU B 138 1.58 -2.76 -28.36
C GLU B 138 1.35 -3.24 -26.93
N VAL B 139 0.10 -3.63 -26.66
CA VAL B 139 -0.28 -4.13 -25.35
C VAL B 139 -1.52 -5.01 -25.45
N SER B 140 -1.43 -6.22 -24.92
CA SER B 140 -2.52 -7.18 -24.92
C SER B 140 -2.41 -8.03 -23.66
N HIS B 141 -3.06 -7.56 -22.61
CA HIS B 141 -3.05 -8.21 -21.31
C HIS B 141 -4.49 -8.33 -20.82
N GLU B 142 -4.83 -9.46 -20.21
CA GLU B 142 -6.16 -9.65 -19.67
C GLU B 142 -6.00 -10.41 -18.35
N GLU B 143 -6.79 -10.04 -17.35
CA GLU B 143 -6.73 -10.70 -16.05
C GLU B 143 -8.02 -10.49 -15.28
N ILE B 144 -8.12 -11.13 -14.12
CA ILE B 144 -9.29 -11.00 -13.26
C ILE B 144 -8.81 -10.47 -11.92
N VAL B 145 -9.47 -9.44 -11.40
CA VAL B 145 -9.11 -8.87 -10.10
C VAL B 145 -10.23 -9.18 -9.13
N ASP B 146 -9.90 -9.89 -8.06
CA ASP B 146 -10.88 -10.32 -7.08
C ASP B 146 -11.02 -9.51 -5.79
N ARG B 147 -10.54 -8.27 -5.78
CA ARG B 147 -10.66 -7.45 -4.57
C ARG B 147 -10.34 -6.00 -4.87
N PHE B 148 -10.74 -5.11 -3.95
CA PHE B 148 -10.44 -3.70 -4.10
C PHE B 148 -9.96 -3.17 -2.75
N HIS B 149 -9.22 -2.07 -2.76
CA HIS B 149 -8.67 -1.52 -1.53
C HIS B 149 -9.13 -0.13 -1.17
N LEU B 150 -9.28 0.10 0.12
CA LEU B 150 -9.67 1.40 0.65
C LEU B 150 -8.35 1.99 1.14
N LEU B 151 -8.05 3.21 0.73
CA LEU B 151 -6.82 3.86 1.13
C LEU B 151 -7.06 5.25 1.70
N TYR B 152 -6.05 5.81 2.34
CA TYR B 152 -6.13 7.15 2.88
C TYR B 152 -4.79 7.83 2.55
N GLN B 153 -4.84 9.15 2.36
CA GLN B 153 -3.64 9.89 2.00
C GLN B 153 -2.81 10.40 3.17
N LEU B 154 -1.48 10.35 2.99
CA LEU B 154 -0.57 10.82 4.02
C LEU B 154 -0.29 12.28 3.74
N GLU B 155 0.42 12.95 4.64
CA GLU B 155 0.74 14.36 4.48
C GLU B 155 1.68 14.56 3.29
N ASN B 156 2.52 13.57 3.00
CA ASN B 156 3.46 13.69 1.89
C ASN B 156 2.79 13.39 0.55
N GLY B 157 1.48 13.14 0.60
CA GLY B 157 0.73 12.85 -0.61
C GLY B 157 0.61 11.38 -0.96
N SER B 158 1.43 10.53 -0.34
CA SER B 158 1.38 9.11 -0.64
C SER B 158 0.12 8.48 -0.09
N TRP B 159 -0.16 7.24 -0.51
CA TRP B 159 -1.35 6.54 -0.08
C TRP B 159 -1.08 5.22 0.64
N THR B 160 -1.77 5.02 1.77
CA THR B 160 -1.63 3.82 2.57
C THR B 160 -2.93 3.03 2.58
N VAL B 161 -2.82 1.71 2.48
CA VAL B 161 -4.01 0.86 2.47
C VAL B 161 -4.57 0.73 3.88
N TYR B 162 -5.89 0.86 4.00
CA TYR B 162 -6.54 0.72 5.30
C TYR B 162 -7.16 -0.67 5.38
N GLU B 163 -7.92 -1.03 4.35
CA GLU B 163 -8.57 -2.34 4.31
C GLU B 163 -8.75 -2.90 2.91
N THR B 164 -8.74 -4.22 2.80
CA THR B 164 -8.91 -4.91 1.53
C THR B 164 -10.31 -5.52 1.54
N PHE B 165 -10.93 -5.60 0.38
CA PHE B 165 -12.28 -6.16 0.29
C PHE B 165 -12.34 -7.20 -0.83
N LEU B 166 -12.73 -8.42 -0.49
CA LEU B 166 -12.83 -9.51 -1.45
C LEU B 166 -14.17 -9.41 -2.18
N LEU B 167 -14.18 -9.79 -3.46
CA LEU B 167 -15.38 -9.72 -4.28
C LEU B 167 -16.13 -11.05 -4.45
N GLY B 168 -17.38 -11.11 -3.95
CA GLY B 168 -18.21 -12.29 -4.07
C GLY B 168 -17.91 -13.49 -3.17
#